data_1RM1
#
_entry.id   1RM1
#
_cell.length_a   173.250
_cell.length_b   173.250
_cell.length_c   164.070
_cell.angle_alpha   90.00
_cell.angle_beta   90.00
_cell.angle_gamma   120.00
#
_symmetry.space_group_name_H-M   'H 3 2'
#
loop_
_entity.id
_entity.type
_entity.pdbx_description
1 polymer "5'-D(*AP*TP*CP*GP*AP*TP*CP*GP*AP*TP*AP*TP*AP*AP*AP*AP*CP*G)-3'"
2 polymer "5'-D(P*CP*GP*TP*TP*TP*TP*AP*TP*AP*TP*CP*GP*AP*TP*CP*GP*AP*T)-3'"
3 polymer 'TATA-box binding protein'
4 polymer 'Transcription initiation factor IIA small chain'
5 polymer 'Transcription initiation factor IIA large chain'
6 water water
#
loop_
_entity_poly.entity_id
_entity_poly.type
_entity_poly.pdbx_seq_one_letter_code
_entity_poly.pdbx_strand_id
1 'polydeoxyribonucleotide' (DA)(DT)(DC)(DG)(DA)(DT)(DC)(DG)(DA)(DT)(DA)(DT)(DA)(DA)(DA)(DA)(DC)(DG) D
2 'polydeoxyribonucleotide' (DC)(DG)(DT)(DT)(DT)(DT)(DA)(DT)(DA)(DT)(DC)(DG)(DA)(DT)(DC)(DG)(DA)(DT) E
3 'polypeptide(L)'
;MADEERLKEFKEANKIVFDPNTRQVWENQNRDGTKPATTFQSEEDIKRAAPESEKDTSATSGIVPTLQNIVATVTLGCRL
DLKTVALHARNAEYNPKRFAAVIMRIREPKTTALIFASGKMVVTGAKSEDDSKLASRKYARIIQKIGFAAKFTDFKIQNI
VGSCDVKFPIRLEGLAFSHGTFSSYEPELFPGLIYRMVKPKIVLLIFVSGKIVLTGAKQREEIYQAFEAIYPVLSEFRKM
;
A
4 'polypeptide(L)'
;MAVPGYYELYRRSTIGNSLVDALDTLISDGRIEASLAMRVLETFDKVVAETLKDNTQSKLTVKGNLDTYGFCDDVWTFIV
KNCQVTVEDSHRDASQNGSGDSQSVISVDKLRIVACNSKKSE
;
B
5 'polypeptide(L)'
;MSNAEASRVYEIIVESVVNEVREDFENAGIDEQTLQDLKNIWQKKLTETKVTTFSWDNQFNEGNINGVQNDLNFNLATPG
VNSSEFNIKEENTGNEGLILPNINSNNNIPHSGETNINTNTVEATNNSGATLNTNTSGNTNADVTSQPKIEVKPEIELTI
NNANITTVENIDDESEKKDDEEKEEDVEKTRKEKEQIEQVKLQAKKEKRSALLDTDEVGSELDDSDDDYLISEGEEDGPD
ENLMLCLYDKVTRTKARWKCSLKDGVVTINRNDYTFQKAQVEAEWV
;
C
#
# COMPACT_ATOMS: atom_id res chain seq x y z
N SER C 61 44.63 1.63 5.32
CA SER C 61 43.79 2.38 4.34
C SER C 61 43.23 3.65 4.97
N GLY C 62 42.84 3.55 6.23
CA GLY C 62 42.30 4.68 6.96
C GLY C 62 40.78 4.84 6.85
N ILE C 63 40.14 3.92 6.12
CA ILE C 63 38.69 3.97 5.91
C ILE C 63 38.04 2.71 6.45
N VAL C 64 36.81 2.84 6.92
CA VAL C 64 36.09 1.70 7.45
C VAL C 64 34.75 1.57 6.75
N PRO C 65 34.58 0.50 5.97
CA PRO C 65 33.31 0.30 5.28
C PRO C 65 32.10 0.38 6.21
N THR C 66 31.01 0.94 5.68
CA THR C 66 29.78 1.10 6.41
C THR C 66 28.77 0.00 6.11
N LEU C 67 28.31 -0.67 7.15
CA LEU C 67 27.33 -1.73 6.99
C LEU C 67 26.02 -1.09 6.54
N GLN C 68 25.50 -1.55 5.42
CA GLN C 68 24.26 -1.00 4.85
C GLN C 68 23.06 -1.91 4.90
N ASN C 69 23.28 -3.21 5.02
CA ASN C 69 22.14 -4.11 5.01
C ASN C 69 22.51 -5.46 5.59
N ILE C 70 21.63 -6.00 6.42
CA ILE C 70 21.87 -7.30 7.02
C ILE C 70 20.63 -8.16 6.89
N VAL C 71 20.80 -9.36 6.33
CA VAL C 71 19.71 -10.29 6.14
C VAL C 71 19.83 -11.43 7.15
N ALA C 72 18.75 -11.68 7.88
CA ALA C 72 18.74 -12.73 8.88
C ALA C 72 17.49 -13.60 8.77
N THR C 73 17.61 -14.85 9.22
CA THR C 73 16.48 -15.77 9.20
C THR C 73 16.11 -16.09 10.65
N VAL C 74 14.83 -16.38 10.87
CA VAL C 74 14.34 -16.72 12.20
C VAL C 74 13.23 -17.75 12.09
N THR C 75 13.34 -18.84 12.84
CA THR C 75 12.31 -19.87 12.85
C THR C 75 11.40 -19.54 14.04
N LEU C 76 10.13 -19.27 13.80
CA LEU C 76 9.21 -18.94 14.88
C LEU C 76 8.63 -20.21 15.49
N GLY C 77 8.97 -21.35 14.89
CA GLY C 77 8.50 -22.62 15.39
C GLY C 77 7.01 -22.78 15.62
N CYS C 78 6.23 -22.71 14.54
CA CYS C 78 4.78 -22.87 14.59
C CYS C 78 4.15 -22.41 13.28
N ARG C 79 3.29 -23.24 12.70
CA ARG C 79 2.62 -22.94 11.44
C ARG C 79 1.85 -21.62 11.49
N LEU C 80 1.73 -20.95 10.35
CA LEU C 80 1.02 -19.67 10.31
C LEU C 80 -0.05 -19.57 9.23
N ASP C 81 -1.10 -18.79 9.53
CA ASP C 81 -2.17 -18.56 8.56
C ASP C 81 -1.79 -17.18 8.04
N LEU C 82 -1.15 -17.15 6.88
CA LEU C 82 -0.71 -15.89 6.33
C LEU C 82 -1.89 -14.94 6.11
N LYS C 83 -3.02 -15.50 5.69
CA LYS C 83 -4.21 -14.70 5.45
C LYS C 83 -4.63 -13.98 6.72
N THR C 84 -4.45 -14.61 7.87
CA THR C 84 -4.83 -14.00 9.14
C THR C 84 -3.82 -12.94 9.57
N VAL C 85 -2.54 -13.21 9.34
CA VAL C 85 -1.49 -12.28 9.71
C VAL C 85 -1.71 -10.98 8.95
N ALA C 86 -1.90 -11.12 7.63
CA ALA C 86 -2.12 -9.98 6.76
C ALA C 86 -3.33 -9.16 7.20
N LEU C 87 -4.30 -9.82 7.82
CA LEU C 87 -5.52 -9.15 8.27
C LEU C 87 -5.41 -8.41 9.60
N HIS C 88 -4.59 -8.93 10.49
CA HIS C 88 -4.45 -8.30 11.81
C HIS C 88 -3.20 -7.44 12.03
N ALA C 89 -2.20 -7.58 11.17
CA ALA C 89 -1.00 -6.78 11.30
C ALA C 89 -1.09 -5.55 10.41
N ARG C 90 -0.55 -4.43 10.87
CA ARG C 90 -0.59 -3.20 10.06
C ARG C 90 0.65 -3.23 9.17
N ASN C 91 0.61 -2.45 8.09
CA ASN C 91 1.73 -2.37 7.15
C ASN C 91 2.14 -3.72 6.59
N ALA C 92 1.15 -4.58 6.35
CA ALA C 92 1.39 -5.90 5.82
C ALA C 92 0.73 -6.05 4.46
N GLU C 93 1.41 -6.72 3.55
CA GLU C 93 0.84 -6.96 2.24
C GLU C 93 0.98 -8.44 1.93
N TYR C 94 -0.11 -9.04 1.46
CA TYR C 94 -0.11 -10.46 1.13
C TYR C 94 -0.76 -10.69 -0.22
N ASN C 95 0.02 -11.18 -1.17
CA ASN C 95 -0.45 -11.44 -2.52
C ASN C 95 0.07 -12.81 -2.94
N PRO C 96 -0.46 -13.89 -2.35
CA PRO C 96 -0.04 -15.26 -2.66
C PRO C 96 0.13 -15.57 -4.15
N LYS C 97 -0.64 -14.91 -4.99
CA LYS C 97 -0.56 -15.13 -6.43
C LYS C 97 0.84 -14.83 -6.97
N ARG C 98 1.64 -14.07 -6.23
CA ARG C 98 2.98 -13.73 -6.69
C ARG C 98 4.11 -14.15 -5.74
N PHE C 99 3.78 -14.28 -4.46
CA PHE C 99 4.75 -14.67 -3.46
C PHE C 99 3.98 -15.26 -2.28
N ALA C 100 4.31 -16.48 -1.90
CA ALA C 100 3.61 -17.16 -0.81
C ALA C 100 4.12 -16.75 0.56
N ALA C 101 4.10 -15.45 0.85
CA ALA C 101 4.54 -14.94 2.14
C ALA C 101 3.99 -13.56 2.41
N VAL C 102 3.92 -13.20 3.68
CA VAL C 102 3.42 -11.88 4.07
C VAL C 102 4.63 -10.97 4.25
N ILE C 103 4.56 -9.82 3.61
CA ILE C 103 5.63 -8.84 3.68
C ILE C 103 5.21 -7.82 4.72
N MET C 104 6.02 -7.64 5.75
CA MET C 104 5.67 -6.70 6.79
C MET C 104 6.87 -5.81 7.12
N ARG C 105 6.60 -4.53 7.38
CA ARG C 105 7.66 -3.59 7.72
C ARG C 105 7.41 -2.91 9.07
N ILE C 106 8.49 -2.52 9.73
CA ILE C 106 8.36 -1.79 10.98
C ILE C 106 9.32 -0.62 10.86
N ARG C 107 9.12 0.38 11.71
CA ARG C 107 9.95 1.58 11.68
C ARG C 107 11.17 1.57 12.60
N GLU C 108 11.12 0.79 13.68
CA GLU C 108 12.24 0.74 14.60
C GLU C 108 12.62 -0.64 15.10
N PRO C 109 13.71 -1.22 14.57
CA PRO C 109 14.55 -0.60 13.55
C PRO C 109 13.96 -0.76 12.15
N LYS C 110 14.14 0.26 11.33
CA LYS C 110 13.62 0.28 9.96
C LYS C 110 14.04 -0.98 9.20
N THR C 111 13.12 -1.94 9.11
CA THR C 111 13.40 -3.20 8.42
C THR C 111 12.14 -3.74 7.71
N THR C 112 12.30 -4.86 7.01
CA THR C 112 11.19 -5.51 6.30
C THR C 112 11.31 -7.01 6.52
N ALA C 113 10.23 -7.64 6.97
CA ALA C 113 10.24 -9.08 7.19
C ALA C 113 9.40 -9.85 6.18
N LEU C 114 9.88 -11.03 5.82
CA LEU C 114 9.16 -11.91 4.90
C LEU C 114 8.71 -13.04 5.82
N ILE C 115 7.41 -13.15 6.06
CA ILE C 115 6.89 -14.19 6.93
C ILE C 115 6.21 -15.30 6.14
N PHE C 116 6.59 -16.55 6.43
CA PHE C 116 6.02 -17.69 5.70
C PHE C 116 4.99 -18.51 6.48
N ALA C 117 4.23 -19.32 5.77
CA ALA C 117 3.21 -20.15 6.38
C ALA C 117 3.85 -21.17 7.31
N SER C 118 5.09 -21.53 7.00
CA SER C 118 5.84 -22.50 7.80
C SER C 118 6.26 -21.95 9.15
N GLY C 119 6.09 -20.64 9.35
CA GLY C 119 6.47 -20.04 10.62
C GLY C 119 7.89 -19.46 10.60
N LYS C 120 8.57 -19.60 9.47
CA LYS C 120 9.92 -19.08 9.31
C LYS C 120 9.89 -17.73 8.61
N MET C 121 10.83 -16.87 8.96
CA MET C 121 10.89 -15.57 8.31
C MET C 121 12.29 -15.05 8.03
N VAL C 122 12.35 -14.03 7.17
CA VAL C 122 13.59 -13.40 6.77
C VAL C 122 13.45 -11.92 7.11
N VAL C 123 14.43 -11.38 7.82
CA VAL C 123 14.40 -9.97 8.17
C VAL C 123 15.52 -9.27 7.42
N THR C 124 15.17 -8.21 6.69
CA THR C 124 16.10 -7.47 5.86
C THR C 124 16.10 -5.98 6.16
N GLY C 125 17.16 -5.31 5.71
CA GLY C 125 17.27 -3.88 5.91
C GLY C 125 17.99 -3.40 7.15
N ALA C 126 18.25 -4.31 8.08
CA ALA C 126 18.93 -3.94 9.32
C ALA C 126 20.37 -3.50 9.00
N LYS C 127 20.85 -2.52 9.76
CA LYS C 127 22.19 -1.97 9.56
C LYS C 127 23.22 -2.38 10.61
N SER C 128 22.81 -3.21 11.56
CA SER C 128 23.72 -3.69 12.59
C SER C 128 23.21 -5.05 13.05
N GLU C 129 24.08 -5.85 13.66
CA GLU C 129 23.70 -7.17 14.15
C GLU C 129 22.62 -7.04 15.21
N ASP C 130 22.76 -6.04 16.07
CA ASP C 130 21.81 -5.79 17.15
C ASP C 130 20.42 -5.40 16.64
N ASP C 131 20.38 -4.49 15.66
CA ASP C 131 19.11 -4.05 15.08
C ASP C 131 18.41 -5.22 14.41
N SER C 132 19.19 -6.12 13.84
CA SER C 132 18.65 -7.29 13.15
C SER C 132 17.96 -8.23 14.13
N LYS C 133 18.63 -8.53 15.23
CA LYS C 133 18.08 -9.42 16.25
C LYS C 133 16.87 -8.73 16.88
N LEU C 134 17.03 -7.44 17.19
CA LEU C 134 15.97 -6.64 17.79
C LEU C 134 14.73 -6.58 16.92
N ALA C 135 14.91 -6.28 15.64
CA ALA C 135 13.79 -6.21 14.72
C ALA C 135 13.12 -7.58 14.63
N SER C 136 13.93 -8.63 14.52
CA SER C 136 13.42 -9.98 14.44
C SER C 136 12.51 -10.29 15.62
N ARG C 137 12.91 -9.82 16.80
CA ARG C 137 12.14 -10.06 18.00
C ARG C 137 10.79 -9.35 17.96
N LYS C 138 10.75 -8.16 17.35
CA LYS C 138 9.50 -7.40 17.25
C LYS C 138 8.50 -8.07 16.34
N TYR C 139 8.99 -8.60 15.23
CA TYR C 139 8.13 -9.28 14.27
C TYR C 139 7.52 -10.50 14.94
N ALA C 140 8.35 -11.27 15.64
CA ALA C 140 7.87 -12.47 16.33
C ALA C 140 6.84 -12.05 17.36
N ARG C 141 7.10 -10.94 18.03
CA ARG C 141 6.20 -10.45 19.06
C ARG C 141 4.86 -10.05 18.45
N ILE C 142 4.85 -9.60 17.20
CA ILE C 142 3.60 -9.22 16.57
C ILE C 142 2.79 -10.46 16.22
N ILE C 143 3.49 -11.45 15.66
CA ILE C 143 2.85 -12.71 15.27
C ILE C 143 2.18 -13.29 16.51
N GLN C 144 2.87 -13.21 17.65
CA GLN C 144 2.30 -13.73 18.89
C GLN C 144 1.07 -12.91 19.26
N LYS C 145 1.27 -11.60 19.36
CA LYS C 145 0.21 -10.67 19.71
C LYS C 145 -1.02 -10.84 18.84
N ILE C 146 -0.85 -11.45 17.67
CA ILE C 146 -1.97 -11.69 16.77
C ILE C 146 -2.69 -12.97 17.19
N GLY C 147 -1.94 -13.90 17.75
CA GLY C 147 -2.57 -15.13 18.19
C GLY C 147 -1.91 -16.43 17.82
N PHE C 148 -0.59 -16.41 17.60
CA PHE C 148 0.11 -17.63 17.25
C PHE C 148 1.14 -18.00 18.32
N ALA C 149 1.45 -19.29 18.41
CA ALA C 149 2.42 -19.80 19.37
C ALA C 149 3.83 -19.58 18.84
N ALA C 150 4.07 -18.40 18.28
CA ALA C 150 5.36 -18.05 17.72
C ALA C 150 6.41 -17.87 18.80
N LYS C 151 7.64 -18.27 18.49
CA LYS C 151 8.77 -18.14 19.42
C LYS C 151 9.99 -17.66 18.64
N PHE C 152 10.88 -16.93 19.31
CA PHE C 152 12.09 -16.43 18.67
C PHE C 152 13.13 -17.55 18.72
N THR C 153 13.33 -18.22 17.59
CA THR C 153 14.27 -19.33 17.49
C THR C 153 15.29 -19.15 16.36
N ASP C 154 16.26 -20.05 16.34
CA ASP C 154 17.32 -20.09 15.34
C ASP C 154 17.77 -18.80 14.66
N PHE C 155 17.84 -17.68 15.39
CA PHE C 155 18.27 -16.43 14.76
C PHE C 155 19.66 -16.61 14.12
N LYS C 156 19.80 -16.19 12.87
CA LYS C 156 21.07 -16.34 12.16
C LYS C 156 21.24 -15.32 11.03
N ILE C 157 22.33 -14.56 11.05
CA ILE C 157 22.58 -13.59 9.98
C ILE C 157 23.09 -14.37 8.77
N GLN C 158 22.50 -14.11 7.61
CA GLN C 158 22.87 -14.83 6.38
C GLN C 158 23.66 -14.00 5.39
N ASN C 159 23.60 -12.67 5.52
CA ASN C 159 24.33 -11.82 4.59
C ASN C 159 24.48 -10.39 5.10
N ILE C 160 25.68 -9.83 4.91
CA ILE C 160 25.96 -8.46 5.31
C ILE C 160 26.56 -7.74 4.12
N VAL C 161 26.03 -6.55 3.85
CA VAL C 161 26.48 -5.72 2.73
C VAL C 161 27.04 -4.43 3.30
N GLY C 162 28.14 -3.96 2.73
CA GLY C 162 28.75 -2.71 3.18
C GLY C 162 29.24 -1.91 2.00
N SER C 163 29.39 -0.59 2.17
CA SER C 163 29.85 0.27 1.09
C SER C 163 30.98 1.20 1.56
N CYS C 164 31.76 1.68 0.61
CA CYS C 164 32.89 2.56 0.89
C CYS C 164 32.99 3.63 -0.15
N ASP C 165 33.96 4.50 0.08
CA ASP C 165 34.27 5.58 -0.81
C ASP C 165 35.75 5.83 -0.57
N VAL C 166 36.59 5.40 -1.51
CA VAL C 166 38.02 5.60 -1.36
C VAL C 166 38.38 7.03 -1.77
N LYS C 167 37.38 7.80 -2.22
CA LYS C 167 37.55 9.20 -2.62
C LYS C 167 38.19 9.49 -3.99
N PHE C 168 38.91 8.54 -4.56
CA PHE C 168 39.54 8.76 -5.85
C PHE C 168 38.94 7.89 -6.95
N PRO C 169 39.12 8.30 -8.22
CA PRO C 169 38.61 7.56 -9.39
C PRO C 169 39.40 6.27 -9.61
N ILE C 170 38.84 5.35 -10.39
CA ILE C 170 39.50 4.08 -10.63
C ILE C 170 39.43 3.67 -12.10
N ARG C 171 40.59 3.32 -12.65
CA ARG C 171 40.64 2.87 -14.03
C ARG C 171 40.26 1.39 -13.96
N LEU C 172 38.97 1.11 -14.10
CA LEU C 172 38.47 -0.26 -14.01
C LEU C 172 39.01 -1.29 -15.01
N GLU C 173 39.09 -0.94 -16.29
CA GLU C 173 39.58 -1.88 -17.29
C GLU C 173 41.01 -2.29 -17.08
N GLY C 174 41.78 -1.45 -16.39
CA GLY C 174 43.14 -1.82 -16.11
C GLY C 174 43.14 -2.83 -14.97
N LEU C 175 42.23 -2.63 -14.03
CA LEU C 175 42.12 -3.52 -12.87
C LEU C 175 41.60 -4.88 -13.30
N ALA C 176 40.67 -4.88 -14.27
CA ALA C 176 40.10 -6.12 -14.77
C ALA C 176 41.13 -6.92 -15.55
N PHE C 177 41.87 -6.25 -16.43
CA PHE C 177 42.90 -6.93 -17.22
C PHE C 177 44.00 -7.50 -16.32
N SER C 178 44.28 -6.81 -15.22
CA SER C 178 45.32 -7.23 -14.29
C SER C 178 44.89 -8.44 -13.45
N HIS C 179 43.66 -8.40 -12.92
CA HIS C 179 43.10 -9.47 -12.12
C HIS C 179 41.99 -10.18 -12.87
N GLY C 180 42.29 -10.69 -14.06
CA GLY C 180 41.28 -11.35 -14.88
C GLY C 180 40.55 -12.54 -14.26
N THR C 181 41.23 -13.29 -13.41
CA THR C 181 40.61 -14.45 -12.79
C THR C 181 39.60 -14.13 -11.69
N PHE C 182 39.61 -12.89 -11.19
CA PHE C 182 38.71 -12.49 -10.11
C PHE C 182 37.69 -11.45 -10.50
N SER C 183 37.99 -10.68 -11.53
CA SER C 183 37.07 -9.63 -11.94
C SER C 183 36.43 -9.80 -13.30
N SER C 184 35.16 -9.41 -13.37
CA SER C 184 34.38 -9.47 -14.60
C SER C 184 33.89 -8.03 -14.83
N TYR C 185 34.36 -7.40 -15.90
CA TYR C 185 33.97 -6.04 -16.21
C TYR C 185 33.52 -5.91 -17.65
N GLU C 186 32.29 -5.46 -17.82
CA GLU C 186 31.69 -5.26 -19.13
C GLU C 186 30.63 -4.23 -18.94
N PRO C 187 31.02 -2.95 -18.96
CA PRO C 187 30.17 -1.77 -18.79
C PRO C 187 28.86 -1.86 -19.55
N GLU C 188 28.87 -2.60 -20.65
CA GLU C 188 27.69 -2.80 -21.46
C GLU C 188 26.57 -3.34 -20.58
N LEU C 189 26.89 -4.39 -19.81
CA LEU C 189 25.95 -5.04 -18.89
C LEU C 189 25.74 -4.22 -17.64
N PHE C 190 26.83 -4.00 -16.93
CA PHE C 190 26.79 -3.25 -15.68
C PHE C 190 28.03 -2.36 -15.57
N PRO C 191 27.84 -1.08 -15.23
CA PRO C 191 28.91 -0.09 -15.09
C PRO C 191 30.03 -0.43 -14.09
N GLY C 192 29.71 -1.20 -13.05
CA GLY C 192 30.72 -1.54 -12.06
C GLY C 192 31.48 -2.82 -12.34
N LEU C 193 32.66 -2.95 -11.76
CA LEU C 193 33.47 -4.15 -11.95
C LEU C 193 33.17 -5.12 -10.81
N ILE C 194 32.95 -6.39 -11.15
CA ILE C 194 32.63 -7.41 -10.16
C ILE C 194 33.86 -8.20 -9.77
N TYR C 195 34.34 -7.97 -8.56
CA TYR C 195 35.52 -8.66 -8.09
C TYR C 195 35.12 -9.75 -7.10
N ARG C 196 35.40 -11.00 -7.47
CA ARG C 196 35.09 -12.13 -6.59
C ARG C 196 36.30 -12.57 -5.80
N MET C 197 36.44 -12.00 -4.60
CA MET C 197 37.55 -12.29 -3.71
C MET C 197 37.46 -13.69 -3.12
N VAL C 198 38.62 -14.32 -3.01
CA VAL C 198 38.71 -15.68 -2.49
C VAL C 198 38.79 -15.74 -0.97
N LYS C 199 39.67 -14.94 -0.38
CA LYS C 199 39.80 -14.95 1.07
C LYS C 199 39.90 -13.53 1.61
N PRO C 200 38.84 -13.06 2.29
CA PRO C 200 37.60 -13.82 2.54
C PRO C 200 36.77 -13.93 1.28
N LYS C 201 35.72 -14.75 1.32
CA LYS C 201 34.87 -14.92 0.15
C LYS C 201 33.84 -13.80 0.17
N ILE C 202 34.19 -12.71 -0.48
CA ILE C 202 33.36 -11.53 -0.53
C ILE C 202 33.32 -11.02 -1.96
N VAL C 203 32.15 -10.61 -2.41
CA VAL C 203 32.04 -10.08 -3.75
C VAL C 203 32.04 -8.56 -3.64
N LEU C 204 32.85 -7.92 -4.46
CA LEU C 204 32.93 -6.46 -4.46
C LEU C 204 32.45 -5.91 -5.78
N LEU C 205 31.86 -4.73 -5.73
CA LEU C 205 31.38 -4.05 -6.92
C LEU C 205 32.19 -2.77 -6.90
N ILE C 206 33.17 -2.67 -7.79
CA ILE C 206 34.05 -1.51 -7.86
C ILE C 206 33.62 -0.56 -8.99
N PHE C 207 33.44 0.71 -8.64
CA PHE C 207 33.00 1.71 -9.59
C PHE C 207 34.07 2.74 -9.90
N VAL C 208 33.92 3.39 -11.05
CA VAL C 208 34.87 4.41 -11.50
C VAL C 208 35.01 5.54 -10.49
N SER C 209 33.93 5.80 -9.77
CA SER C 209 33.89 6.87 -8.80
C SER C 209 34.71 6.65 -7.53
N GLY C 210 35.07 5.41 -7.25
CA GLY C 210 35.81 5.13 -6.04
C GLY C 210 34.88 4.52 -5.01
N LYS C 211 33.61 4.43 -5.38
CA LYS C 211 32.59 3.85 -4.54
C LYS C 211 32.76 2.33 -4.54
N ILE C 212 32.71 1.73 -3.37
CA ILE C 212 32.89 0.28 -3.26
C ILE C 212 31.73 -0.42 -2.55
N VAL C 213 31.25 -1.52 -3.11
CA VAL C 213 30.19 -2.32 -2.50
C VAL C 213 30.77 -3.68 -2.17
N LEU C 214 30.58 -4.10 -0.92
CA LEU C 214 31.09 -5.39 -0.48
C LEU C 214 29.92 -6.21 0.06
N THR C 215 29.76 -7.43 -0.44
CA THR C 215 28.67 -8.28 0.01
C THR C 215 29.05 -9.76 0.05
N GLY C 216 28.22 -10.56 0.71
CA GLY C 216 28.47 -11.98 0.80
C GLY C 216 29.05 -12.41 2.14
N ALA C 217 29.22 -11.44 3.03
CA ALA C 217 29.79 -11.69 4.35
C ALA C 217 28.77 -12.17 5.37
N LYS C 218 29.22 -12.98 6.32
CA LYS C 218 28.35 -13.49 7.37
C LYS C 218 28.76 -12.87 8.69
N GLN C 219 29.98 -12.34 8.73
CA GLN C 219 30.54 -11.67 9.90
C GLN C 219 30.93 -10.28 9.38
N ARG C 220 30.70 -9.23 10.16
CA ARG C 220 31.04 -7.89 9.68
C ARG C 220 32.55 -7.77 9.47
N GLU C 221 33.30 -8.65 10.11
CA GLU C 221 34.75 -8.62 9.98
C GLU C 221 35.22 -8.93 8.56
N GLU C 222 34.49 -9.79 7.86
CA GLU C 222 34.84 -10.17 6.49
C GLU C 222 34.77 -8.96 5.55
N ILE C 223 33.82 -8.05 5.79
CA ILE C 223 33.67 -6.86 4.95
C ILE C 223 34.93 -6.03 5.15
N TYR C 224 35.33 -5.87 6.40
CA TYR C 224 36.52 -5.12 6.77
C TYR C 224 37.78 -5.74 6.17
N GLN C 225 37.94 -7.04 6.31
CA GLN C 225 39.11 -7.72 5.76
C GLN C 225 39.10 -7.69 4.23
N ALA C 226 37.91 -7.72 3.64
CA ALA C 226 37.80 -7.69 2.19
C ALA C 226 38.25 -6.33 1.69
N PHE C 227 37.83 -5.28 2.38
CA PHE C 227 38.21 -3.94 1.97
C PHE C 227 39.71 -3.68 2.12
N GLU C 228 40.31 -4.15 3.20
CA GLU C 228 41.73 -3.95 3.41
C GLU C 228 42.53 -4.63 2.29
N ALA C 229 42.11 -5.83 1.92
CA ALA C 229 42.78 -6.59 0.87
C ALA C 229 42.72 -5.90 -0.49
N ILE C 230 41.57 -5.32 -0.81
CA ILE C 230 41.38 -4.66 -2.10
C ILE C 230 41.95 -3.24 -2.19
N TYR C 231 42.13 -2.57 -1.06
CA TYR C 231 42.62 -1.20 -1.10
C TYR C 231 43.92 -0.98 -1.90
N PRO C 232 44.92 -1.86 -1.72
CA PRO C 232 46.18 -1.70 -2.46
C PRO C 232 45.98 -1.71 -3.97
N VAL C 233 45.17 -2.65 -4.46
CA VAL C 233 44.92 -2.76 -5.89
C VAL C 233 44.03 -1.61 -6.37
N LEU C 234 43.16 -1.12 -5.51
CA LEU C 234 42.29 0.01 -5.85
C LEU C 234 43.23 1.20 -6.04
N SER C 235 44.13 1.39 -5.08
CA SER C 235 45.10 2.48 -5.10
C SER C 235 45.99 2.38 -6.35
N GLU C 236 46.43 1.16 -6.66
CA GLU C 236 47.29 0.94 -7.81
C GLU C 236 46.64 1.37 -9.11
N PHE C 237 45.31 1.29 -9.20
CA PHE C 237 44.64 1.68 -10.43
C PHE C 237 43.93 3.02 -10.34
N ARG C 238 44.33 3.82 -9.36
CA ARG C 238 43.77 5.13 -9.17
C ARG C 238 44.07 5.98 -10.40
N LYS C 239 43.08 6.75 -10.86
CA LYS C 239 43.28 7.62 -12.01
C LYS C 239 43.91 8.91 -11.51
N MET C 240 45.20 9.11 -11.80
CA MET C 240 45.88 10.32 -11.35
C MET C 240 47.05 10.64 -12.26
N PRO D 4 -19.59 -12.66 -11.12
CA PRO D 4 -19.71 -11.71 -12.26
C PRO D 4 -20.28 -10.35 -11.84
N GLY D 5 -19.60 -9.66 -10.93
CA GLY D 5 -20.08 -8.37 -10.46
C GLY D 5 -19.06 -7.26 -10.28
N TYR D 6 -19.50 -6.17 -9.67
CA TYR D 6 -18.67 -5.00 -9.42
C TYR D 6 -18.30 -4.92 -7.95
N TYR D 7 -17.28 -4.13 -7.65
CA TYR D 7 -16.84 -3.99 -6.26
C TYR D 7 -17.96 -3.40 -5.42
N GLU D 8 -17.96 -3.73 -4.15
CA GLU D 8 -18.98 -3.23 -3.25
C GLU D 8 -18.48 -2.13 -2.30
N LEU D 9 -17.23 -1.71 -2.45
CA LEU D 9 -16.69 -0.69 -1.54
C LEU D 9 -17.51 0.59 -1.53
N TYR D 10 -18.09 0.95 -2.67
CA TYR D 10 -18.86 2.17 -2.80
C TYR D 10 -20.12 2.23 -1.95
N ARG D 11 -20.52 1.10 -1.39
CA ARG D 11 -21.69 1.07 -0.54
C ARG D 11 -21.36 1.75 0.79
N ARG D 12 -20.07 1.92 1.05
CA ARG D 12 -19.57 2.56 2.27
C ARG D 12 -19.47 4.08 2.10
N SER D 13 -19.76 4.58 0.90
CA SER D 13 -19.70 6.01 0.59
C SER D 13 -20.97 6.72 1.09
N THR D 14 -20.98 8.05 1.04
CA THR D 14 -22.13 8.80 1.50
C THR D 14 -23.42 8.43 0.76
N ILE D 15 -23.38 8.36 -0.56
CA ILE D 15 -24.57 8.04 -1.33
C ILE D 15 -24.99 6.58 -1.18
N GLY D 16 -24.01 5.71 -1.04
CA GLY D 16 -24.29 4.30 -0.89
C GLY D 16 -24.85 3.97 0.48
N ASN D 17 -24.36 4.69 1.47
CA ASN D 17 -24.82 4.47 2.83
C ASN D 17 -26.25 4.98 2.97
N SER D 18 -26.57 6.07 2.27
CA SER D 18 -27.91 6.65 2.31
C SER D 18 -28.92 5.72 1.65
N LEU D 19 -28.48 5.03 0.61
CA LEU D 19 -29.32 4.08 -0.11
C LEU D 19 -29.62 2.93 0.82
N VAL D 20 -28.62 2.49 1.58
CA VAL D 20 -28.79 1.39 2.52
C VAL D 20 -29.81 1.79 3.55
N ASP D 21 -29.76 3.05 3.99
CA ASP D 21 -30.70 3.59 4.97
C ASP D 21 -32.13 3.56 4.44
N ALA D 22 -32.32 4.14 3.27
CA ALA D 22 -33.62 4.19 2.62
C ALA D 22 -34.14 2.78 2.43
N LEU D 23 -33.26 1.90 1.98
CA LEU D 23 -33.62 0.52 1.73
C LEU D 23 -34.06 -0.22 3.00
N ASP D 24 -33.42 0.10 4.13
CA ASP D 24 -33.75 -0.54 5.39
C ASP D 24 -35.09 -0.10 5.95
N THR D 25 -35.46 1.15 5.73
CA THR D 25 -36.74 1.65 6.23
C THR D 25 -37.89 0.97 5.46
N LEU D 26 -37.69 0.72 4.18
CA LEU D 26 -38.74 0.07 3.41
C LEU D 26 -38.85 -1.40 3.82
N ILE D 27 -37.72 -2.00 4.22
CA ILE D 27 -37.72 -3.40 4.66
C ILE D 27 -38.45 -3.51 5.99
N SER D 28 -38.14 -2.60 6.91
CA SER D 28 -38.77 -2.60 8.24
C SER D 28 -40.25 -2.27 8.14
N ASP D 29 -40.64 -1.54 7.11
CA ASP D 29 -42.05 -1.17 6.91
C ASP D 29 -42.74 -2.33 6.22
N GLY D 30 -41.94 -3.30 5.77
CA GLY D 30 -42.47 -4.47 5.08
C GLY D 30 -42.93 -4.12 3.68
N ARG D 31 -42.34 -3.07 3.11
CA ARG D 31 -42.73 -2.65 1.76
C ARG D 31 -41.98 -3.37 0.68
N ILE D 32 -40.87 -4.00 1.05
CA ILE D 32 -40.07 -4.77 0.10
C ILE D 32 -39.39 -5.90 0.87
N GLU D 33 -38.90 -6.88 0.14
CA GLU D 33 -38.21 -7.98 0.76
C GLU D 33 -36.73 -7.62 0.79
N ALA D 34 -36.01 -8.20 1.74
CA ALA D 34 -34.58 -7.96 1.86
C ALA D 34 -33.87 -8.34 0.56
N SER D 35 -34.33 -9.40 -0.10
CA SER D 35 -33.74 -9.84 -1.36
C SER D 35 -33.81 -8.71 -2.40
N LEU D 36 -34.93 -8.00 -2.44
CA LEU D 36 -35.08 -6.91 -3.39
C LEU D 36 -34.11 -5.80 -3.03
N ALA D 37 -33.92 -5.59 -1.73
CA ALA D 37 -32.99 -4.57 -1.25
C ALA D 37 -31.56 -4.90 -1.69
N MET D 38 -31.18 -6.16 -1.54
CA MET D 38 -29.85 -6.62 -1.92
C MET D 38 -29.64 -6.46 -3.43
N ARG D 39 -30.68 -6.72 -4.20
CA ARG D 39 -30.60 -6.60 -5.65
C ARG D 39 -30.41 -5.13 -6.03
N VAL D 40 -30.99 -4.21 -5.26
CA VAL D 40 -30.86 -2.78 -5.53
C VAL D 40 -29.41 -2.36 -5.25
N LEU D 41 -28.85 -2.90 -4.17
CA LEU D 41 -27.48 -2.62 -3.78
C LEU D 41 -26.48 -3.10 -4.83
N GLU D 42 -26.75 -4.24 -5.46
CA GLU D 42 -25.89 -4.81 -6.49
C GLU D 42 -25.98 -4.03 -7.79
N THR D 43 -27.12 -3.40 -8.04
CA THR D 43 -27.29 -2.59 -9.23
C THR D 43 -26.53 -1.29 -8.94
N PHE D 44 -26.64 -0.84 -7.70
CA PHE D 44 -25.98 0.37 -7.25
C PHE D 44 -24.48 0.24 -7.52
N ASP D 45 -23.90 -0.90 -7.16
CA ASP D 45 -22.47 -1.13 -7.35
C ASP D 45 -22.06 -0.87 -8.79
N LYS D 46 -22.88 -1.37 -9.71
CA LYS D 46 -22.60 -1.21 -11.13
C LYS D 46 -22.73 0.25 -11.54
N VAL D 47 -23.87 0.84 -11.21
CA VAL D 47 -24.14 2.22 -11.56
C VAL D 47 -23.10 3.21 -11.04
N VAL D 48 -22.61 3.00 -9.83
CA VAL D 48 -21.61 3.91 -9.28
C VAL D 48 -20.32 3.81 -10.08
N ALA D 49 -19.93 2.57 -10.39
CA ALA D 49 -18.72 2.33 -11.15
C ALA D 49 -18.79 2.97 -12.51
N GLU D 50 -19.95 2.93 -13.14
CA GLU D 50 -20.11 3.50 -14.47
C GLU D 50 -20.25 5.02 -14.41
N THR D 51 -20.95 5.52 -13.40
CA THR D 51 -21.14 6.95 -13.29
C THR D 51 -19.82 7.65 -12.96
N LEU D 52 -19.01 7.05 -12.10
CA LEU D 52 -17.73 7.65 -11.74
C LEU D 52 -16.76 7.57 -12.91
N LYS D 53 -16.94 6.59 -13.78
CA LYS D 53 -16.08 6.43 -14.93
C LYS D 53 -16.43 7.35 -16.08
N ASP D 54 -17.72 7.61 -16.28
CA ASP D 54 -18.15 8.45 -17.39
C ASP D 54 -18.60 9.88 -17.09
N ASN D 55 -18.81 10.22 -15.82
CA ASN D 55 -19.25 11.59 -15.49
C ASN D 55 -18.38 12.25 -14.44
N THR D 56 -17.11 11.86 -14.40
CA THR D 56 -16.17 12.41 -13.44
C THR D 56 -15.09 13.12 -14.27
N GLN D 57 -14.68 14.31 -13.84
CA GLN D 57 -13.67 15.07 -14.58
C GLN D 57 -12.56 15.53 -13.64
N SER D 58 -12.93 15.88 -12.41
CA SER D 58 -11.99 16.35 -11.41
C SER D 58 -10.80 15.41 -11.24
N LYS D 59 -9.71 15.96 -10.72
CA LYS D 59 -8.49 15.19 -10.50
C LYS D 59 -7.85 15.80 -9.26
N LEU D 60 -7.94 15.11 -8.14
CA LEU D 60 -7.35 15.65 -6.93
C LEU D 60 -6.05 14.93 -6.60
N THR D 61 -5.32 15.48 -5.65
CA THR D 61 -4.06 14.88 -5.25
C THR D 61 -3.91 14.98 -3.74
N VAL D 62 -3.30 13.95 -3.16
CA VAL D 62 -3.08 13.90 -1.72
C VAL D 62 -1.59 13.81 -1.39
N LYS D 63 -1.13 14.65 -0.47
CA LYS D 63 0.26 14.67 -0.04
C LYS D 63 0.27 14.67 1.48
N GLY D 64 0.99 13.74 2.08
CA GLY D 64 1.04 13.68 3.53
C GLY D 64 1.89 12.54 4.03
N ASN D 65 1.72 12.16 5.28
CA ASN D 65 2.49 11.07 5.85
C ASN D 65 1.68 9.81 5.90
N LEU D 66 2.17 8.75 5.26
CA LEU D 66 1.48 7.47 5.25
C LEU D 66 1.64 6.85 6.64
N ASP D 67 0.55 6.80 7.42
CA ASP D 67 0.59 6.26 8.76
C ASP D 67 0.52 4.74 8.75
N THR D 68 -0.34 4.20 7.88
CA THR D 68 -0.51 2.75 7.76
C THR D 68 -0.87 2.40 6.33
N TYR D 69 -0.44 1.23 5.89
CA TYR D 69 -0.78 0.76 4.57
C TYR D 69 -1.13 -0.70 4.75
N GLY D 70 -1.77 -1.28 3.75
CA GLY D 70 -2.14 -2.68 3.83
C GLY D 70 -2.60 -3.16 2.48
N PHE D 71 -2.27 -4.40 2.17
CA PHE D 71 -2.68 -4.95 0.90
C PHE D 71 -3.06 -6.40 1.07
N CYS D 72 -4.35 -6.67 0.93
CA CYS D 72 -4.82 -8.02 1.05
C CYS D 72 -6.00 -8.17 0.12
N ASP D 73 -6.12 -9.34 -0.48
CA ASP D 73 -7.23 -9.63 -1.39
C ASP D 73 -7.38 -8.62 -2.51
N ASP D 74 -6.26 -8.16 -3.06
CA ASP D 74 -6.30 -7.23 -4.18
C ASP D 74 -6.91 -5.87 -3.80
N VAL D 75 -6.77 -5.52 -2.53
CA VAL D 75 -7.29 -4.25 -2.01
C VAL D 75 -6.19 -3.47 -1.27
N TRP D 76 -6.09 -2.18 -1.57
CA TRP D 76 -5.11 -1.34 -0.90
C TRP D 76 -5.81 -0.46 0.11
N THR D 77 -5.23 -0.36 1.31
CA THR D 77 -5.80 0.49 2.34
C THR D 77 -4.68 1.38 2.83
N PHE D 78 -4.96 2.68 2.89
CA PHE D 78 -3.98 3.64 3.33
C PHE D 78 -4.56 4.63 4.32
N ILE D 79 -3.81 4.95 5.36
CA ILE D 79 -4.26 5.94 6.32
C ILE D 79 -3.25 7.06 6.23
N VAL D 80 -3.65 8.18 5.64
CA VAL D 80 -2.75 9.32 5.47
C VAL D 80 -3.05 10.37 6.54
N LYS D 81 -2.04 10.73 7.32
CA LYS D 81 -2.20 11.71 8.37
C LYS D 81 -1.49 13.01 8.01
N ASN D 82 -2.02 14.11 8.53
CA ASN D 82 -1.47 15.45 8.31
C ASN D 82 -1.12 15.69 6.85
N CYS D 83 -2.15 15.67 6.01
CA CYS D 83 -1.98 15.84 4.58
C CYS D 83 -2.71 17.01 3.95
N GLN D 84 -2.31 17.32 2.72
CA GLN D 84 -2.87 18.41 1.94
C GLN D 84 -3.61 17.81 0.76
N VAL D 85 -4.92 17.98 0.75
CA VAL D 85 -5.73 17.45 -0.35
C VAL D 85 -6.08 18.64 -1.24
N THR D 86 -5.68 18.59 -2.49
CA THR D 86 -6.00 19.66 -3.40
C THR D 86 -7.01 19.15 -4.39
N VAL D 87 -8.10 19.88 -4.58
CA VAL D 87 -9.16 19.48 -5.49
C VAL D 87 -9.09 20.28 -6.80
N GLU D 88 -10.12 20.14 -7.64
CA GLU D 88 -10.21 20.85 -8.91
C GLU D 88 -9.38 20.24 -10.02
N VAL D 105 -7.35 23.48 -2.18
CA VAL D 105 -6.44 22.93 -1.18
C VAL D 105 -7.13 22.73 0.17
N ILE D 106 -7.09 21.51 0.67
CA ILE D 106 -7.74 21.16 1.94
C ILE D 106 -6.76 20.53 2.93
N SER D 107 -6.80 20.99 4.17
CA SER D 107 -5.93 20.46 5.21
C SER D 107 -6.71 19.37 5.93
N VAL D 108 -6.14 18.16 6.00
CA VAL D 108 -6.82 17.05 6.65
C VAL D 108 -5.95 16.27 7.62
N ASP D 109 -6.42 16.21 8.86
CA ASP D 109 -5.75 15.53 9.96
C ASP D 109 -5.55 14.03 9.72
N LYS D 110 -6.52 13.38 9.10
CA LYS D 110 -6.45 11.94 8.85
C LYS D 110 -7.34 11.61 7.66
N LEU D 111 -6.90 10.66 6.84
CA LEU D 111 -7.69 10.28 5.67
C LEU D 111 -7.49 8.81 5.32
N ARG D 112 -8.57 8.05 5.39
CA ARG D 112 -8.52 6.63 5.06
C ARG D 112 -8.82 6.46 3.58
N ILE D 113 -7.95 5.73 2.88
CA ILE D 113 -8.13 5.46 1.46
C ILE D 113 -8.23 3.95 1.25
N VAL D 114 -9.34 3.50 0.67
CA VAL D 114 -9.54 2.08 0.38
C VAL D 114 -9.74 1.98 -1.12
N ALA D 115 -8.88 1.24 -1.81
CA ALA D 115 -9.01 1.14 -3.25
C ALA D 115 -8.94 -0.27 -3.83
N CYS D 116 -9.67 -0.49 -4.92
CA CYS D 116 -9.70 -1.80 -5.57
C CYS D 116 -8.97 -1.74 -6.90
N ASN D 117 -8.64 -2.91 -7.43
CA ASN D 117 -7.91 -2.98 -8.67
C ASN D 117 -8.76 -2.53 -9.84
N SER D 118 -8.16 -1.76 -10.74
CA SER D 118 -8.85 -1.28 -11.92
C SER D 118 -8.94 -2.42 -12.92
N LYS D 119 -8.16 -3.48 -12.68
CA LYS D 119 -8.14 -4.65 -13.54
C LYS D 119 -8.77 -5.89 -12.89
N LYS D 120 -9.16 -6.85 -13.71
CA LYS D 120 -9.78 -8.09 -13.24
C LYS D 120 -8.72 -9.11 -12.79
N SER E 2 -21.63 22.10 -2.31
CA SER E 2 -20.23 22.61 -2.33
C SER E 2 -19.54 22.25 -3.64
N ASN E 3 -19.62 20.97 -4.01
CA ASN E 3 -19.00 20.48 -5.25
C ASN E 3 -20.06 20.17 -6.30
N ALA E 4 -19.96 20.83 -7.46
CA ALA E 4 -20.90 20.63 -8.54
C ALA E 4 -20.83 19.21 -9.08
N GLU E 5 -19.62 18.78 -9.43
CA GLU E 5 -19.43 17.44 -9.97
C GLU E 5 -20.03 16.37 -9.07
N ALA E 6 -19.68 16.38 -7.78
CA ALA E 6 -20.21 15.42 -6.83
C ALA E 6 -21.74 15.47 -6.85
N SER E 7 -22.31 16.67 -6.83
CA SER E 7 -23.76 16.85 -6.86
C SER E 7 -24.31 16.12 -8.07
N ARG E 8 -23.74 16.43 -9.22
CA ARG E 8 -24.17 15.84 -10.48
C ARG E 8 -24.07 14.32 -10.45
N VAL E 9 -22.94 13.82 -9.99
CA VAL E 9 -22.72 12.38 -9.94
C VAL E 9 -23.75 11.69 -9.05
N TYR E 10 -24.05 12.31 -7.92
CA TYR E 10 -25.00 11.72 -6.99
C TYR E 10 -26.40 11.65 -7.57
N GLU E 11 -26.82 12.73 -8.21
CA GLU E 11 -28.14 12.81 -8.80
C GLU E 11 -28.28 11.84 -9.96
N ILE E 12 -27.23 11.71 -10.75
CA ILE E 12 -27.27 10.79 -11.85
C ILE E 12 -27.36 9.35 -11.32
N ILE E 13 -26.66 9.07 -10.23
CA ILE E 13 -26.68 7.74 -9.66
C ILE E 13 -28.06 7.32 -9.17
N VAL E 14 -28.73 8.19 -8.43
CA VAL E 14 -30.06 7.84 -7.91
C VAL E 14 -31.08 7.66 -9.03
N GLU E 15 -31.05 8.52 -10.04
CA GLU E 15 -32.00 8.39 -11.14
C GLU E 15 -31.68 7.16 -11.96
N SER E 16 -30.40 6.87 -12.11
CA SER E 16 -29.98 5.71 -12.87
C SER E 16 -30.28 4.41 -12.15
N VAL E 17 -30.07 4.39 -10.84
CA VAL E 17 -30.35 3.16 -10.08
C VAL E 17 -31.86 2.85 -10.10
N VAL E 18 -32.69 3.87 -9.95
CA VAL E 18 -34.15 3.71 -9.97
C VAL E 18 -34.62 3.11 -11.29
N ASN E 19 -33.97 3.48 -12.40
CA ASN E 19 -34.34 2.95 -13.70
C ASN E 19 -33.89 1.53 -13.89
N GLU E 20 -32.72 1.21 -13.35
CA GLU E 20 -32.14 -0.13 -13.46
C GLU E 20 -32.88 -1.18 -12.63
N VAL E 21 -33.48 -0.75 -11.53
CA VAL E 21 -34.20 -1.67 -10.67
C VAL E 21 -35.71 -1.67 -10.89
N ARG E 22 -36.22 -0.74 -11.67
CA ARG E 22 -37.66 -0.73 -11.90
C ARG E 22 -38.10 -2.09 -12.39
N GLU E 23 -37.26 -2.73 -13.20
CA GLU E 23 -37.56 -4.05 -13.74
C GLU E 23 -37.61 -5.14 -12.67
N ASP E 24 -36.82 -4.97 -11.61
CA ASP E 24 -36.78 -5.95 -10.52
C ASP E 24 -37.92 -5.75 -9.55
N PHE E 25 -38.39 -4.52 -9.41
CA PHE E 25 -39.51 -4.24 -8.54
C PHE E 25 -40.73 -4.90 -9.16
N GLU E 26 -40.94 -4.68 -10.45
CA GLU E 26 -42.06 -5.26 -11.18
C GLU E 26 -41.99 -6.77 -11.07
N ASN E 27 -40.78 -7.30 -11.15
CA ASN E 27 -40.58 -8.73 -11.08
C ASN E 27 -40.85 -9.27 -9.67
N ALA E 28 -40.85 -8.39 -8.68
CA ALA E 28 -41.06 -8.80 -7.30
C ALA E 28 -42.47 -8.52 -6.78
N GLY E 29 -43.28 -7.87 -7.61
CA GLY E 29 -44.64 -7.57 -7.22
C GLY E 29 -44.78 -6.23 -6.52
N ILE E 30 -43.65 -5.52 -6.40
CA ILE E 30 -43.64 -4.21 -5.76
C ILE E 30 -44.01 -3.17 -6.83
N ASP E 31 -44.97 -2.30 -6.50
CA ASP E 31 -45.43 -1.29 -7.46
C ASP E 31 -44.56 -0.04 -7.56
N GLU E 32 -44.75 0.70 -8.67
CA GLU E 32 -44.01 1.92 -8.95
C GLU E 32 -43.93 2.95 -7.82
N GLN E 33 -45.01 3.11 -7.06
CA GLN E 33 -45.01 4.07 -5.97
C GLN E 33 -43.95 3.71 -4.93
N THR E 34 -43.78 2.42 -4.65
CA THR E 34 -42.76 2.02 -3.68
C THR E 34 -41.36 2.36 -4.22
N LEU E 35 -41.16 2.20 -5.53
CA LEU E 35 -39.87 2.52 -6.13
C LEU E 35 -39.62 4.00 -5.92
N GLN E 36 -40.66 4.79 -6.19
CA GLN E 36 -40.59 6.24 -6.04
C GLN E 36 -40.28 6.61 -4.59
N ASP E 37 -40.94 5.92 -3.66
CA ASP E 37 -40.74 6.14 -2.23
C ASP E 37 -39.26 5.95 -1.91
N LEU E 38 -38.66 4.91 -2.49
CA LEU E 38 -37.24 4.64 -2.29
C LEU E 38 -36.43 5.84 -2.75
N LYS E 39 -36.75 6.36 -3.94
CA LYS E 39 -36.03 7.50 -4.45
C LYS E 39 -36.15 8.69 -3.50
N ASN E 40 -37.36 8.93 -3.01
CA ASN E 40 -37.64 10.03 -2.09
C ASN E 40 -36.87 9.93 -0.79
N ILE E 41 -36.92 8.76 -0.15
CA ILE E 41 -36.22 8.56 1.10
C ILE E 41 -34.72 8.66 0.84
N TRP E 42 -34.28 8.13 -0.29
CA TRP E 42 -32.87 8.17 -0.66
C TRP E 42 -32.42 9.63 -0.76
N GLN E 43 -33.23 10.42 -1.45
CA GLN E 43 -32.97 11.84 -1.65
C GLN E 43 -32.92 12.61 -0.35
N LYS E 44 -33.90 12.35 0.52
CA LYS E 44 -33.99 13.02 1.81
C LYS E 44 -32.73 12.73 2.64
N LYS E 45 -32.38 11.46 2.74
CA LYS E 45 -31.19 11.05 3.48
C LYS E 45 -29.96 11.80 2.96
N LEU E 46 -29.80 11.84 1.65
CA LEU E 46 -28.65 12.54 1.06
C LEU E 46 -28.60 14.00 1.49
N THR E 47 -29.74 14.67 1.46
CA THR E 47 -29.84 16.08 1.86
C THR E 47 -29.48 16.27 3.33
N GLU E 48 -29.90 15.31 4.15
CA GLU E 48 -29.64 15.33 5.58
C GLU E 48 -28.15 15.29 5.89
N THR E 49 -27.37 14.66 5.02
CA THR E 49 -25.92 14.55 5.24
C THR E 49 -25.21 15.85 4.94
N LYS E 50 -25.76 16.62 4.00
CA LYS E 50 -25.18 17.91 3.63
C LYS E 50 -23.73 17.86 3.14
N VAL E 51 -23.39 16.87 2.32
CA VAL E 51 -22.03 16.74 1.79
C VAL E 51 -21.88 17.55 0.52
N THR E 52 -23.02 17.95 -0.03
CA THR E 52 -23.09 18.76 -1.23
C THR E 52 -24.55 19.12 -1.41
N THR E 53 -24.84 20.08 -2.27
CA THR E 53 -26.22 20.50 -2.49
C THR E 53 -26.87 19.79 -3.67
N PHE E 54 -28.16 19.49 -3.54
CA PHE E 54 -28.90 18.80 -4.59
C PHE E 54 -30.06 19.60 -5.14
N SER E 55 -30.42 19.33 -6.38
CA SER E 55 -31.49 20.05 -7.04
C SER E 55 -32.85 19.76 -6.45
N TRP E 56 -32.92 18.81 -5.53
CA TRP E 56 -34.18 18.45 -4.88
C TRP E 56 -34.23 18.96 -3.45
N ASP E 57 -33.13 19.59 -3.02
CA ASP E 57 -32.99 20.13 -1.67
C ASP E 57 -34.10 21.08 -1.25
N ASN E 58 -34.52 21.93 -2.18
CA ASN E 58 -35.57 22.90 -1.91
C ASN E 58 -36.84 22.18 -1.46
N GLN E 59 -36.96 20.91 -1.83
CA GLN E 59 -38.10 20.10 -1.48
C GLN E 59 -37.99 19.61 -0.04
N PHE E 60 -36.77 19.63 0.49
CA PHE E 60 -36.50 19.19 1.86
C PHE E 60 -35.91 20.32 2.73
N ASN E 61 -36.64 21.42 2.84
CA ASN E 61 -36.20 22.57 3.65
C ASN E 61 -36.09 22.20 5.13
N ASP E 228 -0.42 1.26 17.31
CA ASP E 228 -0.03 -0.10 17.65
C ASP E 228 0.41 -0.86 16.40
N TYR E 229 0.75 -2.15 16.56
CA TYR E 229 1.20 -2.97 15.45
C TYR E 229 0.06 -3.81 14.88
N LEU E 230 -1.11 -3.73 15.48
CA LEU E 230 -2.25 -4.51 15.03
C LEU E 230 -3.45 -3.64 14.61
N ILE E 231 -4.07 -4.03 13.50
CA ILE E 231 -5.21 -3.32 12.91
C ILE E 231 -6.36 -2.96 13.86
N SER E 232 -7.05 -1.87 13.51
CA SER E 232 -8.18 -1.34 14.25
C SER E 232 -9.48 -1.44 13.42
N GLU E 236 -15.45 4.98 14.58
CA GLU E 236 -14.50 4.98 13.46
C GLU E 236 -15.15 5.46 12.16
N ASP E 237 -15.99 4.61 11.57
CA ASP E 237 -16.68 4.93 10.33
C ASP E 237 -17.99 5.69 10.53
N GLY E 238 -18.02 6.95 10.08
CA GLY E 238 -19.21 7.76 10.21
C GLY E 238 -19.13 9.02 9.34
N PRO E 239 -20.09 9.95 9.47
CA PRO E 239 -20.03 11.15 8.64
C PRO E 239 -18.78 11.97 8.92
N ASP E 240 -18.12 11.68 10.04
CA ASP E 240 -16.91 12.38 10.45
C ASP E 240 -15.60 11.69 10.10
N GLU E 241 -15.68 10.48 9.53
CA GLU E 241 -14.47 9.79 9.12
C GLU E 241 -14.20 10.32 7.72
N ASN E 242 -12.96 10.69 7.45
CA ASN E 242 -12.62 11.15 6.12
C ASN E 242 -12.26 9.88 5.40
N LEU E 243 -13.05 9.51 4.40
CA LEU E 243 -12.83 8.26 3.68
C LEU E 243 -12.83 8.40 2.17
N MET E 244 -11.86 7.75 1.53
CA MET E 244 -11.77 7.77 0.08
C MET E 244 -11.95 6.34 -0.40
N LEU E 245 -12.92 6.14 -1.29
CA LEU E 245 -13.19 4.82 -1.86
C LEU E 245 -12.97 4.98 -3.35
N CYS E 246 -12.19 4.10 -3.95
CA CYS E 246 -11.90 4.21 -5.39
C CYS E 246 -11.14 3.01 -5.97
N LEU E 247 -10.60 3.23 -7.16
CA LEU E 247 -9.83 2.24 -7.90
C LEU E 247 -8.37 2.65 -7.90
N TYR E 248 -7.47 1.70 -8.19
CA TYR E 248 -6.05 2.01 -8.25
C TYR E 248 -5.40 1.50 -9.54
N ASP E 249 -4.62 2.38 -10.18
CA ASP E 249 -3.91 2.05 -11.42
C ASP E 249 -2.62 1.35 -11.03
N LYS E 250 -1.83 2.00 -10.19
CA LYS E 250 -0.58 1.45 -9.73
C LYS E 250 -0.09 2.07 -8.43
N VAL E 251 0.45 1.20 -7.58
CA VAL E 251 0.98 1.60 -6.29
C VAL E 251 2.44 1.24 -6.34
N THR E 252 3.29 2.20 -5.95
CA THR E 252 4.72 1.98 -5.94
C THR E 252 5.38 2.72 -4.78
N ARG E 253 6.46 2.14 -4.25
CA ARG E 253 7.20 2.77 -3.17
C ARG E 253 8.69 2.57 -3.36
N THR E 254 9.45 3.60 -2.99
CA THR E 254 10.91 3.56 -3.06
C THR E 254 11.32 3.98 -1.66
N LYS E 255 11.99 3.09 -0.94
CA LYS E 255 12.37 3.39 0.43
C LYS E 255 11.05 3.56 1.20
N ALA E 256 10.80 4.75 1.74
CA ALA E 256 9.57 5.01 2.48
C ALA E 256 8.65 5.94 1.71
N ARG E 257 9.01 6.28 0.48
CA ARG E 257 8.20 7.18 -0.34
C ARG E 257 7.21 6.44 -1.25
N TRP E 258 5.91 6.57 -0.94
CA TRP E 258 4.86 5.92 -1.71
C TRP E 258 4.19 6.85 -2.72
N LYS E 259 3.77 6.29 -3.85
CA LYS E 259 3.09 7.05 -4.89
C LYS E 259 1.90 6.25 -5.38
N CYS E 260 0.70 6.82 -5.24
CA CYS E 260 -0.49 6.12 -5.65
C CYS E 260 -1.30 6.80 -6.74
N SER E 261 -1.48 6.09 -7.84
CA SER E 261 -2.28 6.59 -8.95
C SER E 261 -3.66 5.96 -8.81
N LEU E 262 -4.65 6.80 -8.53
CA LEU E 262 -6.02 6.35 -8.35
C LEU E 262 -6.91 6.85 -9.47
N LYS E 263 -8.14 6.32 -9.52
CA LYS E 263 -9.12 6.71 -10.52
C LYS E 263 -10.55 6.40 -10.06
N ASP E 264 -11.53 6.97 -10.76
CA ASP E 264 -12.96 6.78 -10.48
C ASP E 264 -13.24 6.60 -9.00
N GLY E 265 -13.11 7.69 -8.24
CA GLY E 265 -13.35 7.59 -6.81
C GLY E 265 -14.20 8.69 -6.22
N VAL E 266 -14.59 8.48 -4.97
CA VAL E 266 -15.41 9.44 -4.26
C VAL E 266 -14.79 9.57 -2.86
N VAL E 267 -14.82 10.77 -2.30
CA VAL E 267 -14.23 10.97 -0.99
C VAL E 267 -15.01 11.99 -0.14
N THR E 268 -15.06 11.73 1.17
CA THR E 268 -15.73 12.60 2.13
C THR E 268 -14.62 13.22 2.98
N ILE E 269 -14.47 14.53 2.91
CA ILE E 269 -13.44 15.20 3.68
C ILE E 269 -14.06 16.32 4.52
N ASN E 270 -14.19 16.07 5.82
CA ASN E 270 -14.77 17.05 6.72
C ASN E 270 -16.20 17.39 6.33
N ARG E 271 -17.05 16.37 6.34
CA ARG E 271 -18.46 16.51 6.02
C ARG E 271 -18.77 17.01 4.60
N ASN E 272 -17.77 17.05 3.73
CA ASN E 272 -17.96 17.48 2.34
C ASN E 272 -17.47 16.40 1.38
N ASP E 273 -18.25 16.15 0.33
CA ASP E 273 -17.91 15.12 -0.65
C ASP E 273 -17.35 15.63 -1.97
N TYR E 274 -16.44 14.85 -2.54
CA TYR E 274 -15.82 15.16 -3.82
C TYR E 274 -15.74 13.86 -4.58
N THR E 275 -15.70 13.97 -5.90
CA THR E 275 -15.59 12.78 -6.73
C THR E 275 -14.44 13.08 -7.66
N PHE E 276 -13.73 12.04 -8.09
CA PHE E 276 -12.62 12.29 -8.99
C PHE E 276 -12.43 11.28 -10.09
N GLN E 277 -11.74 11.73 -11.14
CA GLN E 277 -11.42 10.93 -12.30
C GLN E 277 -10.08 10.29 -11.98
N LYS E 278 -9.18 11.11 -11.45
CA LYS E 278 -7.84 10.69 -11.08
C LYS E 278 -7.44 11.30 -9.75
N ALA E 279 -6.64 10.57 -9.00
CA ALA E 279 -6.13 11.05 -7.72
C ALA E 279 -4.66 10.67 -7.67
N GLN E 280 -3.86 11.55 -7.11
CA GLN E 280 -2.43 11.29 -7.01
C GLN E 280 -2.07 11.34 -5.56
N VAL E 281 -1.50 10.26 -5.06
CA VAL E 281 -1.10 10.26 -3.67
C VAL E 281 0.42 10.19 -3.54
N GLU E 282 0.95 10.99 -2.61
CA GLU E 282 2.38 11.03 -2.32
C GLU E 282 2.56 11.14 -0.80
N ALA E 283 2.63 9.98 -0.16
CA ALA E 283 2.79 9.90 1.28
C ALA E 283 4.07 9.18 1.63
N GLU E 284 4.75 9.66 2.67
CA GLU E 284 5.99 9.05 3.10
C GLU E 284 5.76 8.25 4.38
N TRP E 285 6.02 6.96 4.31
CA TRP E 285 5.85 6.07 5.45
C TRP E 285 6.94 6.30 6.47
N VAL E 286 6.84 7.39 7.22
CA VAL E 286 7.83 7.69 8.24
C VAL E 286 7.15 8.27 9.45
#